data_2E3J
#
_entry.id   2E3J
#
_cell.length_a   66.258
_cell.length_b   66.258
_cell.length_c   157.109
_cell.angle_alpha   90.00
_cell.angle_beta   90.00
_cell.angle_gamma   90.00
#
_symmetry.space_group_name_H-M   'P 41 21 2'
#
loop_
_entity.id
_entity.type
_entity.pdbx_description
1 polymer 'EPOXIDE HYDROLASE EPHB'
2 non-polymer 'ACETATE ION'
3 water water
#
_entity_poly.entity_id   1
_entity_poly.type   'polypeptide(L)'
_entity_poly.pdbx_seq_one_letter_code
;VSQVHRILNCRGTRIHAVADSPPDQQGPLVVLLHGFPESWYSWRHQIPALAGAGYRVVAIDQRGYGRSSKYRVQKAYRIK
ELVGDVVGVLDSYGAEQAFVVGHDWGAPVAWTFAWLHPDRCAGVVGISVPFAGRGVIGLPGSPFGERRPSDYHLELAGPG
RVWYQDYFAVQDGIITEIEEDLRGWLLGLTYTVSGEGMMAATKAAVDAGVDLESMDPIDVIRAGPLCMAEGARLKDAFVY
PETMPAWFTEADLDFYTGEFERSGFGGPLSFYHNIDNDWHDLADQQGKPLTPPALFIGGQYDVGTIWGAQAIERAHEVMP
NYRGTHMIADVGHWIQQEAPEETNRLLLDFLGGLRP
;
_entity_poly.pdbx_strand_id   A
#
# COMPACT_ATOMS: atom_id res chain seq x y z
N VAL A 4 23.91 2.61 -2.51
CA VAL A 4 22.61 1.90 -2.42
C VAL A 4 21.77 2.38 -1.24
N HIS A 5 22.34 2.32 -0.03
CA HIS A 5 21.62 2.76 1.15
C HIS A 5 21.85 4.22 1.47
N ARG A 6 20.78 4.92 1.82
CA ARG A 6 20.88 6.33 2.17
C ARG A 6 20.01 6.68 3.36
N ILE A 7 20.48 7.66 4.13
CA ILE A 7 19.77 8.14 5.30
C ILE A 7 19.42 9.61 5.02
N LEU A 8 18.13 9.89 4.91
CA LEU A 8 17.68 11.25 4.62
C LEU A 8 17.07 11.91 5.85
N ASN A 9 17.26 13.21 5.97
CA ASN A 9 16.66 13.94 7.08
C ASN A 9 15.47 14.71 6.54
N CYS A 10 14.27 14.18 6.73
CA CYS A 10 13.07 14.83 6.25
C CYS A 10 12.47 15.67 7.38
N ARG A 11 12.98 16.90 7.48
CA ARG A 11 12.56 17.85 8.50
C ARG A 11 12.40 17.24 9.88
N GLY A 12 13.46 16.59 10.36
CA GLY A 12 13.44 15.98 11.69
C GLY A 12 13.12 14.50 11.73
N THR A 13 12.75 13.93 10.60
CA THR A 13 12.41 12.51 10.52
C THR A 13 13.46 11.78 9.70
N ARG A 14 14.04 10.74 10.29
CA ARG A 14 15.05 9.95 9.60
C ARG A 14 14.35 8.98 8.67
N ILE A 15 14.62 9.10 7.38
CA ILE A 15 14.02 8.20 6.41
C ILE A 15 15.13 7.44 5.72
N HIS A 16 15.08 6.13 5.85
CA HIS A 16 16.08 5.27 5.23
C HIS A 16 15.59 4.89 3.83
N ALA A 17 16.52 4.72 2.90
CA ALA A 17 16.17 4.37 1.54
C ALA A 17 17.27 3.61 0.80
N VAL A 18 16.85 2.93 -0.26
CA VAL A 18 17.75 2.19 -1.12
C VAL A 18 17.60 2.86 -2.49
N ALA A 19 18.69 3.41 -3.00
CA ALA A 19 18.69 4.12 -4.28
C ALA A 19 19.46 3.40 -5.37
N ASP A 20 19.18 3.78 -6.61
CA ASP A 20 19.86 3.21 -7.77
C ASP A 20 19.57 4.12 -8.95
N SER A 21 20.55 4.27 -9.83
CA SER A 21 20.37 5.13 -10.99
C SER A 21 21.51 4.98 -11.99
N PRO A 22 21.42 5.65 -13.14
CA PRO A 22 22.51 5.54 -14.13
C PRO A 22 23.78 6.08 -13.48
N PRO A 23 24.95 5.61 -13.95
CA PRO A 23 26.22 6.06 -13.38
C PRO A 23 26.40 7.59 -13.43
N ASP A 24 25.80 8.23 -14.42
CA ASP A 24 25.88 9.69 -14.57
C ASP A 24 25.15 10.38 -13.43
N GLN A 25 24.30 9.61 -12.75
CA GLN A 25 23.51 10.12 -11.63
C GLN A 25 22.52 11.17 -12.08
N GLN A 26 21.96 10.96 -13.26
CA GLN A 26 20.97 11.84 -13.88
C GLN A 26 19.76 11.01 -14.29
N GLY A 27 18.63 11.67 -14.44
CA GLY A 27 17.41 10.99 -14.84
C GLY A 27 16.27 11.43 -13.94
N PRO A 28 15.02 11.29 -14.39
CA PRO A 28 13.89 11.71 -13.54
C PRO A 28 13.92 10.94 -12.22
N LEU A 29 13.41 11.54 -11.15
CA LEU A 29 13.38 10.86 -9.86
C LEU A 29 12.10 10.04 -9.77
N VAL A 30 12.22 8.81 -9.27
CA VAL A 30 11.06 7.95 -9.08
C VAL A 30 11.12 7.49 -7.63
N VAL A 31 10.07 7.79 -6.85
CA VAL A 31 10.02 7.39 -5.44
C VAL A 31 9.06 6.21 -5.29
N LEU A 32 9.51 5.16 -4.61
CA LEU A 32 8.65 3.98 -4.42
C LEU A 32 8.23 3.87 -2.97
N LEU A 33 6.93 3.79 -2.75
CA LEU A 33 6.34 3.70 -1.41
C LEU A 33 5.71 2.32 -1.18
N HIS A 34 6.23 1.59 -0.20
CA HIS A 34 5.72 0.25 0.08
C HIS A 34 4.52 0.31 1.02
N GLY A 35 3.82 -0.80 1.18
CA GLY A 35 2.67 -0.85 2.07
C GLY A 35 2.87 -1.70 3.31
N PHE A 36 1.77 -2.25 3.83
CA PHE A 36 1.77 -3.08 5.03
C PHE A 36 1.64 -4.58 4.76
N PRO A 37 2.49 -5.41 5.38
CA PRO A 37 3.58 -5.11 6.31
C PRO A 37 4.80 -5.35 5.43
N GLU A 38 5.22 -4.32 4.72
CA GLU A 38 6.31 -4.49 3.78
C GLU A 38 7.58 -3.71 4.03
N SER A 39 8.33 -3.48 2.95
CA SER A 39 9.63 -2.83 3.05
C SER A 39 10.09 -2.28 1.71
N TRP A 40 11.23 -1.59 1.68
CA TRP A 40 11.74 -1.10 0.42
C TRP A 40 12.00 -2.37 -0.42
N TYR A 41 12.31 -3.47 0.26
CA TYR A 41 12.60 -4.77 -0.38
C TYR A 41 11.47 -5.27 -1.29
N SER A 42 10.24 -4.84 -1.03
CA SER A 42 9.10 -5.24 -1.85
C SER A 42 9.25 -4.77 -3.30
N TRP A 43 10.08 -3.75 -3.52
CA TRP A 43 10.29 -3.22 -4.87
C TRP A 43 11.60 -3.76 -5.48
N ARG A 44 12.16 -4.81 -4.89
CA ARG A 44 13.41 -5.39 -5.37
C ARG A 44 13.46 -5.70 -6.88
N HIS A 45 12.33 -6.05 -7.47
CA HIS A 45 12.27 -6.35 -8.90
C HIS A 45 12.08 -5.13 -9.82
N GLN A 46 11.70 -4.00 -9.24
CA GLN A 46 11.49 -2.76 -10.00
C GLN A 46 12.71 -1.86 -10.02
N ILE A 47 13.40 -1.79 -8.88
CA ILE A 47 14.57 -0.93 -8.74
C ILE A 47 15.55 -1.07 -9.90
N PRO A 48 16.04 -2.29 -10.18
CA PRO A 48 16.99 -2.47 -11.28
C PRO A 48 16.39 -2.12 -12.64
N ALA A 49 15.12 -2.43 -12.84
CA ALA A 49 14.47 -2.13 -14.11
C ALA A 49 14.35 -0.62 -14.34
N LEU A 50 13.79 0.08 -13.35
CA LEU A 50 13.64 1.53 -13.45
C LEU A 50 14.98 2.22 -13.59
N ALA A 51 15.99 1.78 -12.84
CA ALA A 51 17.30 2.40 -12.91
C ALA A 51 17.95 2.15 -14.28
N GLY A 52 17.64 0.99 -14.85
CA GLY A 52 18.19 0.62 -16.14
C GLY A 52 17.57 1.41 -17.27
N ALA A 53 16.31 1.82 -17.09
CA ALA A 53 15.59 2.59 -18.09
C ALA A 53 15.98 4.06 -18.04
N GLY A 54 16.92 4.39 -17.17
CA GLY A 54 17.39 5.77 -17.06
C GLY A 54 16.83 6.63 -15.94
N TYR A 55 16.17 6.02 -14.97
CA TYR A 55 15.57 6.77 -13.86
C TYR A 55 16.34 6.67 -12.56
N ARG A 56 16.25 7.71 -11.74
CA ARG A 56 16.87 7.71 -10.44
C ARG A 56 15.77 7.18 -9.53
N VAL A 57 15.93 5.94 -9.09
CA VAL A 57 14.95 5.27 -8.25
C VAL A 57 15.31 5.35 -6.77
N VAL A 58 14.31 5.68 -5.95
CA VAL A 58 14.47 5.78 -4.51
C VAL A 58 13.31 5.01 -3.86
N ALA A 59 13.64 3.95 -3.14
CA ALA A 59 12.66 3.12 -2.46
C ALA A 59 12.90 3.27 -0.97
N ILE A 60 11.97 3.94 -0.29
CA ILE A 60 12.12 4.20 1.14
C ILE A 60 11.42 3.22 2.06
N ASP A 61 11.78 3.31 3.34
CA ASP A 61 11.11 2.56 4.40
C ASP A 61 10.28 3.71 4.96
N GLN A 62 8.95 3.56 5.01
CA GLN A 62 8.14 4.64 5.55
C GLN A 62 8.39 4.72 7.05
N ARG A 63 8.06 5.87 7.64
CA ARG A 63 8.27 6.02 9.07
C ARG A 63 7.60 4.85 9.78
N GLY A 64 8.24 4.38 10.85
CA GLY A 64 7.71 3.25 11.61
C GLY A 64 8.20 1.91 11.06
N TYR A 65 8.85 1.95 9.90
CA TYR A 65 9.33 0.74 9.24
C TYR A 65 10.86 0.67 9.07
N GLY A 66 11.36 -0.56 8.93
CA GLY A 66 12.77 -0.79 8.71
C GLY A 66 13.77 -0.01 9.52
N ARG A 67 14.48 0.91 8.87
CA ARG A 67 15.48 1.71 9.57
C ARG A 67 15.05 3.18 9.69
N SER A 68 13.80 3.47 9.36
CA SER A 68 13.29 4.84 9.46
C SER A 68 12.77 5.12 10.86
N SER A 69 12.68 6.41 11.20
CA SER A 69 12.23 6.84 12.52
C SER A 69 11.00 6.10 13.01
N LYS A 70 11.02 5.75 14.29
CA LYS A 70 9.92 5.02 14.93
C LYS A 70 9.26 5.88 16.00
N TYR A 71 8.05 6.34 15.75
CA TYR A 71 7.33 7.17 16.71
C TYR A 71 6.33 6.33 17.46
N ARG A 72 5.97 6.76 18.67
CA ARG A 72 4.97 6.03 19.42
C ARG A 72 3.63 6.76 19.38
N VAL A 73 3.66 8.09 19.47
CA VAL A 73 2.42 8.87 19.44
C VAL A 73 1.69 8.62 18.13
N GLN A 74 0.37 8.58 18.20
CA GLN A 74 -0.46 8.32 17.04
C GLN A 74 -0.43 9.40 15.96
N LYS A 75 -0.36 10.66 16.37
CA LYS A 75 -0.36 11.74 15.39
C LYS A 75 0.83 11.72 14.42
N ALA A 76 1.88 10.99 14.78
CA ALA A 76 3.05 10.90 13.92
C ALA A 76 2.74 10.06 12.68
N TYR A 77 1.66 9.29 12.74
CA TYR A 77 1.26 8.41 11.62
C TYR A 77 0.01 8.84 10.84
N ARG A 78 -0.22 10.15 10.78
CA ARG A 78 -1.36 10.69 10.05
C ARG A 78 -0.93 10.89 8.60
N ILE A 79 -1.87 10.73 7.66
CA ILE A 79 -1.56 10.85 6.24
C ILE A 79 -0.66 12.02 5.84
N LYS A 80 -0.95 13.23 6.30
CA LYS A 80 -0.11 14.36 5.93
C LYS A 80 1.33 14.28 6.43
N GLU A 81 1.58 13.48 7.47
CA GLU A 81 2.95 13.31 7.98
C GLU A 81 3.68 12.42 6.98
N LEU A 82 2.98 11.38 6.53
CA LEU A 82 3.50 10.43 5.56
C LEU A 82 3.81 11.18 4.27
N VAL A 83 2.86 12.02 3.86
CA VAL A 83 3.02 12.82 2.65
C VAL A 83 4.23 13.74 2.79
N GLY A 84 4.36 14.35 3.97
CA GLY A 84 5.47 15.26 4.23
C GLY A 84 6.80 14.55 4.14
N ASP A 85 6.81 13.24 4.37
CA ASP A 85 8.05 12.50 4.28
C ASP A 85 8.46 12.39 2.81
N VAL A 86 7.49 12.14 1.94
CA VAL A 86 7.76 12.02 0.51
C VAL A 86 8.34 13.35 0.02
N VAL A 87 7.75 14.45 0.47
CA VAL A 87 8.23 15.78 0.10
C VAL A 87 9.67 15.93 0.55
N GLY A 88 9.99 15.39 1.72
CA GLY A 88 11.34 15.48 2.24
C GLY A 88 12.30 14.70 1.35
N VAL A 89 11.82 13.58 0.80
CA VAL A 89 12.65 12.77 -0.08
C VAL A 89 13.05 13.60 -1.28
N LEU A 90 12.06 14.15 -2.01
CA LEU A 90 12.36 14.98 -3.19
C LEU A 90 13.32 16.10 -2.81
N ASP A 91 13.07 16.74 -1.67
CA ASP A 91 13.93 17.82 -1.20
C ASP A 91 15.37 17.35 -0.98
N SER A 92 15.54 16.12 -0.51
CA SER A 92 16.87 15.59 -0.28
C SER A 92 17.62 15.45 -1.59
N TYR A 93 16.90 15.08 -2.65
CA TYR A 93 17.50 14.93 -3.97
C TYR A 93 17.42 16.22 -4.78
N GLY A 94 16.94 17.29 -4.16
CA GLY A 94 16.83 18.57 -4.87
C GLY A 94 16.04 18.40 -6.16
N ALA A 95 14.92 17.69 -6.08
CA ALA A 95 14.11 17.45 -7.25
C ALA A 95 12.81 18.25 -7.16
N GLU A 96 12.54 19.06 -8.19
CA GLU A 96 11.32 19.87 -8.22
C GLU A 96 10.10 18.96 -8.30
N GLN A 97 10.21 17.95 -9.14
CA GLN A 97 9.13 16.99 -9.34
C GLN A 97 9.66 15.56 -9.28
N ALA A 98 8.73 14.62 -9.20
CA ALA A 98 9.09 13.23 -9.16
C ALA A 98 7.87 12.40 -9.44
N PHE A 99 8.11 11.20 -9.96
CA PHE A 99 7.05 10.24 -10.22
C PHE A 99 6.95 9.49 -8.90
N VAL A 100 5.74 9.31 -8.38
CA VAL A 100 5.58 8.61 -7.12
C VAL A 100 4.72 7.38 -7.35
N VAL A 101 5.21 6.23 -6.89
CA VAL A 101 4.51 4.96 -7.06
C VAL A 101 4.30 4.37 -5.67
N GLY A 102 3.06 4.04 -5.33
CA GLY A 102 2.81 3.49 -4.03
C GLY A 102 1.95 2.25 -4.12
N HIS A 103 2.20 1.30 -3.21
CA HIS A 103 1.45 0.05 -3.16
C HIS A 103 0.80 -0.09 -1.79
N ASP A 104 -0.40 -0.63 -1.76
CA ASP A 104 -1.13 -0.80 -0.51
C ASP A 104 -1.13 0.53 0.21
N TRP A 105 -0.70 0.56 1.48
CA TRP A 105 -0.68 1.80 2.23
C TRP A 105 0.17 2.86 1.54
N GLY A 106 1.07 2.41 0.68
CA GLY A 106 1.91 3.34 -0.05
C GLY A 106 1.12 4.13 -1.06
N ALA A 107 0.04 3.54 -1.57
CA ALA A 107 -0.80 4.20 -2.56
C ALA A 107 -1.53 5.44 -2.01
N PRO A 108 -2.24 5.31 -0.88
CA PRO A 108 -2.93 6.48 -0.33
C PRO A 108 -1.98 7.65 -0.12
N VAL A 109 -0.74 7.33 0.28
CA VAL A 109 0.27 8.36 0.51
C VAL A 109 0.71 8.96 -0.81
N ALA A 110 0.82 8.14 -1.85
CA ALA A 110 1.21 8.61 -3.17
C ALA A 110 0.06 9.41 -3.80
N TRP A 111 -1.16 8.89 -3.67
CA TRP A 111 -2.34 9.56 -4.21
C TRP A 111 -2.48 10.92 -3.51
N THR A 112 -2.44 10.90 -2.18
CA THR A 112 -2.58 12.11 -1.41
C THR A 112 -1.44 13.09 -1.66
N PHE A 113 -0.26 12.55 -1.93
CA PHE A 113 0.89 13.38 -2.23
C PHE A 113 0.62 14.17 -3.52
N ALA A 114 -0.01 13.51 -4.49
CA ALA A 114 -0.32 14.13 -5.78
C ALA A 114 -1.48 15.12 -5.64
N TRP A 115 -2.40 14.77 -4.75
CA TRP A 115 -3.58 15.58 -4.48
C TRP A 115 -3.17 16.91 -3.86
N LEU A 116 -2.35 16.86 -2.82
CA LEU A 116 -1.90 18.04 -2.11
C LEU A 116 -0.72 18.79 -2.72
N HIS A 117 0.16 18.08 -3.43
CA HIS A 117 1.32 18.72 -4.03
C HIS A 117 1.50 18.46 -5.53
N PRO A 118 0.46 18.75 -6.34
CA PRO A 118 0.53 18.53 -7.79
C PRO A 118 1.75 19.18 -8.46
N ASP A 119 2.24 20.26 -7.86
CA ASP A 119 3.39 21.00 -8.37
C ASP A 119 4.72 20.25 -8.18
N ARG A 120 4.69 19.22 -7.33
CA ARG A 120 5.88 18.43 -7.07
C ARG A 120 5.75 17.05 -7.68
N CYS A 121 4.62 16.80 -8.32
CA CYS A 121 4.34 15.48 -8.90
C CYS A 121 4.23 15.41 -10.42
N ALA A 122 5.13 14.65 -11.04
CA ALA A 122 5.14 14.49 -12.49
C ALA A 122 4.22 13.34 -12.91
N GLY A 123 3.77 12.58 -11.93
CA GLY A 123 2.89 11.46 -12.22
C GLY A 123 2.74 10.61 -10.99
N VAL A 124 1.60 9.95 -10.87
CA VAL A 124 1.38 9.11 -9.71
C VAL A 124 0.76 7.78 -10.14
N VAL A 125 1.18 6.72 -9.48
CA VAL A 125 0.68 5.39 -9.78
C VAL A 125 0.33 4.71 -8.47
N GLY A 126 -0.92 4.30 -8.33
CA GLY A 126 -1.33 3.61 -7.13
C GLY A 126 -1.47 2.14 -7.50
N ILE A 127 -0.90 1.26 -6.70
CA ILE A 127 -1.01 -0.17 -7.00
C ILE A 127 -1.83 -0.84 -5.90
N SER A 128 -2.76 -1.68 -6.31
CA SER A 128 -3.65 -2.41 -5.40
C SER A 128 -4.79 -1.56 -4.86
N VAL A 129 -4.46 -0.40 -4.28
CA VAL A 129 -5.47 0.48 -3.72
C VAL A 129 -5.73 1.74 -4.55
N PRO A 130 -6.85 1.78 -5.30
CA PRO A 130 -7.19 2.95 -6.12
C PRO A 130 -7.44 4.21 -5.31
N PHE A 131 -7.32 5.37 -5.96
CA PHE A 131 -7.52 6.65 -5.29
C PHE A 131 -8.92 6.67 -4.69
N ALA A 132 -9.03 7.06 -3.42
CA ALA A 132 -10.31 7.08 -2.72
C ALA A 132 -10.61 8.41 -2.04
N GLY A 133 -9.92 9.46 -2.46
CA GLY A 133 -10.14 10.76 -1.87
C GLY A 133 -9.96 10.72 -0.37
N ARG A 134 -10.81 11.45 0.35
CA ARG A 134 -10.74 11.50 1.81
C ARG A 134 -11.03 10.14 2.42
N GLY A 135 -11.41 9.19 1.58
CA GLY A 135 -11.71 7.86 2.06
C GLY A 135 -10.44 7.11 2.42
N VAL A 136 -9.33 7.51 1.80
CA VAL A 136 -8.02 6.90 2.01
C VAL A 136 -8.02 5.52 1.38
N ILE A 137 -8.92 4.66 1.83
CA ILE A 137 -9.04 3.33 1.28
C ILE A 137 -10.49 3.13 0.85
N GLY A 138 -10.69 2.98 -0.45
CA GLY A 138 -12.04 2.78 -0.97
C GLY A 138 -12.59 1.40 -0.66
N LEU A 139 -13.87 1.34 -0.31
CA LEU A 139 -14.53 0.08 0.02
C LEU A 139 -15.83 -0.05 -0.78
N PRO A 140 -16.28 -1.29 -1.03
CA PRO A 140 -17.50 -1.56 -1.78
C PRO A 140 -18.66 -0.65 -1.40
N GLY A 141 -18.66 -0.17 -0.17
CA GLY A 141 -19.74 0.70 0.26
C GLY A 141 -19.39 2.15 0.04
N SER A 142 -18.21 2.55 0.49
CA SER A 142 -17.75 3.92 0.37
C SER A 142 -16.48 4.01 -0.48
N PRO A 143 -16.64 4.26 -1.79
CA PRO A 143 -15.50 4.36 -2.71
C PRO A 143 -14.61 5.58 -2.45
N PHE A 144 -15.20 6.68 -1.99
CA PHE A 144 -14.41 7.90 -1.74
C PHE A 144 -14.59 8.51 -0.36
N GLY A 145 -14.95 7.69 0.62
CA GLY A 145 -15.12 8.18 1.98
C GLY A 145 -16.37 8.99 2.17
N GLU A 146 -17.46 8.56 1.56
CA GLU A 146 -18.73 9.26 1.68
C GLU A 146 -19.14 9.32 3.14
N ARG A 147 -19.01 8.21 3.86
CA ARG A 147 -19.34 8.18 5.28
C ARG A 147 -18.09 8.08 6.13
N ARG A 148 -18.28 8.09 7.45
CA ARG A 148 -17.17 8.00 8.39
C ARG A 148 -16.57 6.59 8.30
N PRO A 149 -15.23 6.51 8.30
CA PRO A 149 -14.53 5.23 8.22
C PRO A 149 -14.87 4.22 9.32
N SER A 150 -14.54 4.59 10.56
CA SER A 150 -14.77 3.72 11.71
C SER A 150 -16.17 3.13 11.78
N ASP A 151 -17.16 3.99 12.01
CA ASP A 151 -18.55 3.56 12.11
C ASP A 151 -19.02 2.76 10.90
N TYR A 152 -18.59 3.17 9.70
CA TYR A 152 -18.98 2.44 8.51
C TYR A 152 -18.44 1.02 8.57
N HIS A 153 -17.33 0.86 9.28
CA HIS A 153 -16.71 -0.45 9.45
C HIS A 153 -17.63 -1.30 10.30
N LEU A 154 -17.91 -0.80 11.50
CA LEU A 154 -18.78 -1.49 12.46
C LEU A 154 -19.97 -2.12 11.74
N GLU A 155 -20.98 -1.30 11.48
CA GLU A 155 -22.16 -1.78 10.79
C GLU A 155 -21.74 -2.02 9.34
N LEU A 156 -22.40 -2.94 8.67
CA LEU A 156 -22.05 -3.26 7.30
C LEU A 156 -20.61 -3.76 7.24
N ALA A 157 -20.39 -4.97 7.76
CA ALA A 157 -19.08 -5.59 7.78
C ALA A 157 -19.08 -6.83 8.67
N GLY A 158 -20.18 -7.05 9.38
CA GLY A 158 -20.27 -8.22 10.25
C GLY A 158 -21.19 -8.03 11.46
N PRO A 159 -22.17 -8.92 11.63
CA PRO A 159 -23.13 -8.88 12.74
C PRO A 159 -22.41 -8.79 14.07
N GLY A 160 -21.77 -9.89 14.45
CA GLY A 160 -21.01 -9.93 15.69
C GLY A 160 -19.55 -10.12 15.32
N ARG A 161 -19.19 -9.64 14.14
CA ARG A 161 -17.83 -9.74 13.64
C ARG A 161 -17.03 -8.46 13.84
N VAL A 162 -15.79 -8.48 13.39
CA VAL A 162 -14.91 -7.32 13.52
C VAL A 162 -14.16 -7.05 12.22
N TRP A 163 -14.11 -5.77 11.83
CA TRP A 163 -13.39 -5.39 10.62
C TRP A 163 -11.92 -5.43 11.02
N TYR A 164 -11.11 -6.13 10.24
CA TYR A 164 -9.69 -6.26 10.56
C TYR A 164 -8.98 -4.92 10.81
N GLN A 165 -9.28 -3.91 9.99
CA GLN A 165 -8.65 -2.61 10.17
C GLN A 165 -8.87 -2.02 11.56
N ASP A 166 -10.07 -2.23 12.10
CA ASP A 166 -10.38 -1.71 13.44
C ASP A 166 -9.62 -2.55 14.48
N TYR A 167 -9.36 -3.80 14.13
CA TYR A 167 -8.63 -4.70 15.00
C TYR A 167 -7.18 -4.22 15.02
N PHE A 168 -6.62 -4.04 13.83
CA PHE A 168 -5.26 -3.54 13.66
C PHE A 168 -5.08 -2.29 14.51
N ALA A 169 -6.01 -1.36 14.35
CA ALA A 169 -5.97 -0.07 15.07
C ALA A 169 -5.92 -0.19 16.59
N VAL A 170 -6.40 -1.30 17.12
CA VAL A 170 -6.38 -1.49 18.58
C VAL A 170 -4.93 -1.61 19.06
N GLN A 171 -4.10 -2.27 18.25
CA GLN A 171 -2.68 -2.44 18.55
C GLN A 171 -2.40 -3.10 19.90
N ASP A 172 -3.20 -4.10 20.25
CA ASP A 172 -3.01 -4.81 21.50
C ASP A 172 -3.01 -6.31 21.21
N GLY A 173 -4.19 -6.84 20.89
CA GLY A 173 -4.31 -8.25 20.58
C GLY A 173 -3.64 -8.61 19.27
N ILE A 174 -3.75 -7.73 18.27
CA ILE A 174 -3.14 -7.97 16.98
C ILE A 174 -1.63 -8.22 17.13
N ILE A 175 -0.96 -7.33 17.87
CA ILE A 175 0.46 -7.47 18.11
C ILE A 175 0.77 -8.74 18.90
N THR A 176 -0.07 -9.03 19.89
CA THR A 176 0.12 -10.22 20.70
C THR A 176 0.07 -11.50 19.88
N GLU A 177 -0.86 -11.59 18.94
CA GLU A 177 -0.95 -12.79 18.12
C GLU A 177 0.21 -12.86 17.13
N ILE A 178 0.78 -11.70 16.80
CA ILE A 178 1.89 -11.66 15.87
C ILE A 178 3.17 -12.17 16.53
N GLU A 179 3.52 -11.56 17.67
CA GLU A 179 4.74 -11.91 18.39
C GLU A 179 4.89 -13.37 18.83
N GLU A 180 3.78 -14.07 19.02
CA GLU A 180 3.84 -15.47 19.41
C GLU A 180 4.69 -16.20 18.39
N ASP A 181 4.52 -15.82 17.13
CA ASP A 181 5.27 -16.43 16.03
C ASP A 181 5.18 -15.48 14.83
N LEU A 182 6.07 -14.49 14.83
CA LEU A 182 6.11 -13.46 13.79
C LEU A 182 6.36 -13.98 12.38
N ARG A 183 7.35 -14.85 12.23
CA ARG A 183 7.66 -15.40 10.91
C ARG A 183 6.48 -16.14 10.29
N GLY A 184 5.77 -16.91 11.12
CA GLY A 184 4.63 -17.65 10.63
C GLY A 184 3.44 -16.75 10.35
N TRP A 185 3.39 -15.62 11.05
CA TRP A 185 2.29 -14.69 10.86
C TRP A 185 2.46 -14.04 9.50
N LEU A 186 3.71 -13.67 9.18
CA LEU A 186 3.99 -13.05 7.89
C LEU A 186 3.64 -14.00 6.76
N LEU A 187 3.99 -15.27 6.91
CA LEU A 187 3.69 -16.27 5.89
C LEU A 187 2.18 -16.43 5.75
N GLY A 188 1.49 -16.51 6.88
CA GLY A 188 0.05 -16.66 6.86
C GLY A 188 -0.62 -15.51 6.11
N LEU A 189 -0.39 -14.29 6.58
CA LEU A 189 -0.99 -13.11 5.97
C LEU A 189 -0.63 -12.98 4.49
N THR A 190 0.59 -13.36 4.13
CA THR A 190 1.03 -13.27 2.74
C THR A 190 0.31 -14.25 1.83
N TYR A 191 0.45 -15.54 2.12
CA TYR A 191 -0.19 -16.57 1.29
C TYR A 191 -1.69 -16.40 1.21
N THR A 192 -2.32 -16.08 2.34
CA THR A 192 -3.77 -15.92 2.38
C THR A 192 -4.32 -14.93 1.34
N VAL A 193 -3.82 -13.69 1.32
CA VAL A 193 -4.32 -12.71 0.35
C VAL A 193 -3.53 -12.66 -0.95
N SER A 194 -2.76 -13.71 -1.21
CA SER A 194 -2.00 -13.78 -2.45
C SER A 194 -2.91 -14.33 -3.56
N GLY A 195 -2.35 -14.51 -4.76
CA GLY A 195 -3.15 -15.03 -5.86
C GLY A 195 -3.49 -16.49 -5.63
N GLU A 196 -2.45 -17.33 -5.57
CA GLU A 196 -2.63 -18.75 -5.34
C GLU A 196 -3.49 -19.00 -4.11
N GLY A 197 -3.29 -18.19 -3.08
CA GLY A 197 -4.06 -18.33 -1.86
C GLY A 197 -5.53 -18.00 -2.03
N MET A 198 -5.82 -17.03 -2.90
CA MET A 198 -7.19 -16.61 -3.17
C MET A 198 -7.87 -17.61 -4.11
N MET A 199 -7.15 -18.04 -5.14
CA MET A 199 -7.69 -19.00 -6.10
C MET A 199 -8.05 -20.28 -5.38
N ALA A 200 -7.19 -20.71 -4.46
CA ALA A 200 -7.44 -21.91 -3.69
C ALA A 200 -8.64 -21.72 -2.76
N ALA A 201 -8.73 -20.53 -2.15
CA ALA A 201 -9.82 -20.21 -1.24
C ALA A 201 -11.16 -20.18 -2.01
N THR A 202 -11.10 -19.82 -3.27
CA THR A 202 -12.28 -19.76 -4.11
C THR A 202 -12.57 -21.16 -4.64
N LYS A 203 -11.51 -21.84 -5.08
CA LYS A 203 -11.61 -23.20 -5.58
C LYS A 203 -12.43 -24.01 -4.59
N ALA A 204 -12.37 -23.62 -3.33
CA ALA A 204 -13.11 -24.29 -2.27
C ALA A 204 -14.56 -23.81 -2.33
N ALA A 205 -15.08 -23.64 -3.55
CA ALA A 205 -16.44 -23.21 -3.75
C ALA A 205 -17.37 -24.23 -3.12
N VAL A 206 -16.79 -25.39 -2.83
CA VAL A 206 -17.46 -26.54 -2.19
C VAL A 206 -16.99 -27.82 -2.90
N SER A 214 -21.51 -17.73 -6.03
CA SER A 214 -21.20 -16.29 -6.28
C SER A 214 -22.35 -15.40 -5.81
N MET A 215 -22.04 -14.52 -4.86
CA MET A 215 -23.05 -13.61 -4.33
C MET A 215 -22.56 -12.17 -4.32
N ASP A 216 -23.34 -11.30 -3.67
CA ASP A 216 -23.02 -9.88 -3.58
C ASP A 216 -21.67 -9.60 -2.92
N PRO A 217 -20.80 -8.86 -3.61
CA PRO A 217 -19.45 -8.50 -3.13
C PRO A 217 -19.44 -7.75 -1.80
N ILE A 218 -20.37 -6.80 -1.63
CA ILE A 218 -20.45 -6.01 -0.41
C ILE A 218 -20.62 -6.87 0.85
N ASP A 219 -21.10 -8.11 0.69
CA ASP A 219 -21.25 -8.99 1.83
C ASP A 219 -20.33 -10.20 1.73
N VAL A 220 -19.38 -10.14 0.81
CA VAL A 220 -18.40 -11.20 0.62
C VAL A 220 -17.27 -10.93 1.61
N ILE A 221 -17.13 -9.66 1.98
CA ILE A 221 -16.11 -9.26 2.95
C ILE A 221 -16.38 -10.08 4.20
N ARG A 222 -17.63 -10.05 4.65
CA ARG A 222 -18.01 -10.84 5.82
C ARG A 222 -17.79 -12.27 5.36
N ALA A 223 -17.67 -13.20 6.29
CA ALA A 223 -17.43 -14.58 5.93
C ALA A 223 -16.12 -14.64 5.15
N GLY A 224 -15.33 -13.58 5.27
CA GLY A 224 -14.05 -13.51 4.59
C GLY A 224 -12.91 -13.50 5.59
N PRO A 225 -11.66 -13.66 5.11
CA PRO A 225 -10.47 -13.67 5.96
C PRO A 225 -10.29 -12.39 6.78
N LEU A 226 -10.41 -11.24 6.11
CA LEU A 226 -10.25 -9.95 6.76
C LEU A 226 -11.42 -9.63 7.68
N CYS A 227 -12.32 -10.58 7.83
CA CYS A 227 -13.49 -10.38 8.68
C CYS A 227 -13.53 -11.48 9.74
N MET A 228 -13.34 -11.10 10.99
CA MET A 228 -13.32 -12.04 12.10
C MET A 228 -14.44 -11.84 13.12
N ALA A 229 -14.74 -12.89 13.88
CA ALA A 229 -15.76 -12.83 14.91
C ALA A 229 -15.17 -12.27 16.19
N GLU A 230 -15.85 -11.28 16.76
CA GLU A 230 -15.38 -10.62 17.99
C GLU A 230 -14.76 -11.57 19.00
N GLY A 231 -13.60 -11.21 19.52
CA GLY A 231 -12.93 -12.05 20.50
C GLY A 231 -11.97 -13.05 19.88
N ALA A 232 -12.06 -13.23 18.57
CA ALA A 232 -11.19 -14.17 17.88
C ALA A 232 -9.87 -13.50 17.53
N ARG A 233 -9.06 -14.17 16.72
CA ARG A 233 -7.78 -13.64 16.29
C ARG A 233 -7.69 -13.77 14.77
N LEU A 234 -7.26 -12.69 14.12
CA LEU A 234 -7.12 -12.65 12.67
C LEU A 234 -6.28 -13.80 12.14
N LYS A 235 -5.33 -14.24 12.95
CA LYS A 235 -4.44 -15.34 12.61
C LYS A 235 -5.24 -16.65 12.49
N ASP A 236 -6.41 -16.68 13.12
CA ASP A 236 -7.29 -17.85 13.12
C ASP A 236 -7.79 -18.23 11.72
N ALA A 237 -7.89 -17.24 10.83
CA ALA A 237 -8.39 -17.50 9.49
C ALA A 237 -7.31 -17.61 8.42
N PHE A 238 -6.03 -17.57 8.80
CA PHE A 238 -4.97 -17.67 7.80
C PHE A 238 -4.90 -19.06 7.18
N VAL A 239 -4.23 -19.13 6.03
CA VAL A 239 -4.02 -20.37 5.31
C VAL A 239 -2.55 -20.40 4.95
N TYR A 240 -1.90 -21.52 5.22
CA TYR A 240 -0.48 -21.64 4.92
C TYR A 240 -0.28 -22.59 3.74
N PRO A 241 0.73 -22.31 2.91
CA PRO A 241 1.01 -23.15 1.75
C PRO A 241 1.74 -24.43 2.10
N GLU A 242 1.56 -25.46 1.27
CA GLU A 242 2.24 -26.73 1.50
C GLU A 242 3.71 -26.47 1.23
N THR A 243 3.98 -25.57 0.28
CA THR A 243 5.34 -25.21 -0.07
C THR A 243 5.40 -23.72 -0.42
N MET A 244 6.52 -23.09 -0.12
CA MET A 244 6.71 -21.66 -0.39
C MET A 244 6.49 -21.30 -1.86
N PRO A 245 5.51 -20.42 -2.14
CA PRO A 245 5.27 -20.05 -3.53
C PRO A 245 6.56 -19.60 -4.22
N ALA A 246 6.60 -19.77 -5.53
CA ALA A 246 7.78 -19.42 -6.31
C ALA A 246 8.11 -17.94 -6.30
N TRP A 247 7.12 -17.08 -6.05
CA TRP A 247 7.35 -15.64 -6.04
C TRP A 247 7.73 -15.11 -4.67
N PHE A 248 7.45 -15.90 -3.63
CA PHE A 248 7.77 -15.51 -2.26
C PHE A 248 8.49 -16.70 -1.61
N THR A 249 9.82 -16.69 -1.73
CA THR A 249 10.65 -17.77 -1.20
C THR A 249 10.99 -17.60 0.27
N GLU A 250 11.79 -18.54 0.78
CA GLU A 250 12.22 -18.51 2.17
C GLU A 250 13.18 -17.36 2.43
N ALA A 251 14.00 -17.03 1.43
CA ALA A 251 14.95 -15.94 1.60
C ALA A 251 14.20 -14.61 1.70
N ASP A 252 13.06 -14.51 1.02
CA ASP A 252 12.26 -13.29 1.04
C ASP A 252 11.59 -13.18 2.40
N LEU A 253 11.01 -14.29 2.86
CA LEU A 253 10.35 -14.35 4.14
C LEU A 253 11.36 -14.07 5.27
N ASP A 254 12.59 -14.52 5.09
CA ASP A 254 13.63 -14.29 6.08
C ASP A 254 14.02 -12.82 6.15
N PHE A 255 13.95 -12.13 5.02
CA PHE A 255 14.29 -10.71 5.01
C PHE A 255 13.23 -9.95 5.79
N TYR A 256 11.98 -10.11 5.38
CA TYR A 256 10.87 -9.44 6.02
C TYR A 256 10.81 -9.77 7.50
N THR A 257 11.01 -11.04 7.84
CA THR A 257 10.99 -11.48 9.23
C THR A 257 12.03 -10.71 10.02
N GLY A 258 13.22 -10.57 9.43
CA GLY A 258 14.29 -9.85 10.09
C GLY A 258 14.00 -8.37 10.30
N GLU A 259 13.32 -7.73 9.35
CA GLU A 259 13.01 -6.31 9.47
C GLU A 259 12.02 -6.05 10.60
N PHE A 260 10.97 -6.87 10.63
CA PHE A 260 9.94 -6.70 11.65
C PHE A 260 10.28 -7.22 13.02
N GLU A 261 11.14 -8.22 13.15
CA GLU A 261 11.45 -8.62 14.51
C GLU A 261 12.28 -7.51 15.15
N ARG A 262 12.80 -6.62 14.32
CA ARG A 262 13.58 -5.50 14.81
C ARG A 262 12.74 -4.23 14.98
N SER A 263 11.78 -4.02 14.06
CA SER A 263 10.95 -2.82 14.12
C SER A 263 9.64 -2.98 14.88
N GLY A 264 9.06 -4.17 14.82
CA GLY A 264 7.78 -4.40 15.48
C GLY A 264 6.68 -3.92 14.54
N PHE A 265 5.43 -3.97 15.00
CA PHE A 265 4.33 -3.55 14.15
C PHE A 265 3.62 -2.30 14.68
N GLY A 266 4.11 -1.79 15.80
CA GLY A 266 3.51 -0.60 16.39
C GLY A 266 3.32 0.55 15.43
N GLY A 267 4.42 1.07 14.88
CA GLY A 267 4.33 2.18 13.94
C GLY A 267 3.45 1.83 12.75
N PRO A 268 3.70 0.68 12.11
CA PRO A 268 2.91 0.26 10.95
C PRO A 268 1.40 0.24 11.22
N LEU A 269 0.99 -0.38 12.33
CA LEU A 269 -0.43 -0.47 12.67
C LEU A 269 -1.06 0.89 12.97
N SER A 270 -0.25 1.86 13.39
CA SER A 270 -0.78 3.18 13.67
C SER A 270 -1.35 3.82 12.40
N PHE A 271 -0.93 3.33 11.24
CA PHE A 271 -1.45 3.84 9.97
C PHE A 271 -2.95 3.58 9.99
N TYR A 272 -3.33 2.32 10.20
CA TYR A 272 -4.74 1.92 10.24
C TYR A 272 -5.52 2.65 11.32
N HIS A 273 -4.88 2.86 12.46
CA HIS A 273 -5.48 3.54 13.60
C HIS A 273 -5.89 4.98 13.30
N ASN A 274 -5.17 5.59 12.37
CA ASN A 274 -5.42 6.99 12.02
C ASN A 274 -6.35 7.21 10.82
N ILE A 275 -6.90 6.14 10.26
CA ILE A 275 -7.78 6.28 9.11
C ILE A 275 -8.85 7.33 9.37
N ASP A 276 -9.66 7.09 10.39
CA ASP A 276 -10.73 8.03 10.75
C ASP A 276 -10.14 9.44 10.81
N ASN A 277 -8.94 9.55 11.38
CA ASN A 277 -8.29 10.84 11.49
C ASN A 277 -7.88 11.39 10.13
N ASP A 278 -7.56 10.49 9.21
CA ASP A 278 -7.15 10.90 7.87
C ASP A 278 -8.38 11.41 7.13
N TRP A 279 -9.46 10.63 7.19
CA TRP A 279 -10.72 11.00 6.55
C TRP A 279 -11.11 12.40 6.99
N HIS A 280 -10.82 12.69 8.26
CA HIS A 280 -11.11 13.98 8.85
C HIS A 280 -10.21 15.04 8.22
N ASP A 281 -8.91 14.82 8.31
CA ASP A 281 -7.91 15.73 7.77
C ASP A 281 -8.05 16.04 6.29
N LEU A 282 -8.73 15.16 5.56
CA LEU A 282 -8.89 15.33 4.11
C LEU A 282 -10.24 15.85 3.61
N ALA A 283 -11.07 16.37 4.50
CA ALA A 283 -12.36 16.90 4.11
C ALA A 283 -12.15 18.10 3.20
N ASP A 284 -11.26 18.99 3.65
CA ASP A 284 -10.89 20.22 2.94
C ASP A 284 -10.23 19.98 1.59
N GLN A 285 -10.45 18.79 1.03
CA GLN A 285 -9.88 18.42 -0.27
C GLN A 285 -10.94 17.84 -1.18
N GLN A 286 -12.01 17.30 -0.59
CA GLN A 286 -13.10 16.71 -1.37
C GLN A 286 -13.53 17.69 -2.44
N GLY A 287 -13.82 17.17 -3.63
CA GLY A 287 -14.24 18.02 -4.73
C GLY A 287 -13.05 18.33 -5.61
N LYS A 288 -12.01 18.92 -5.03
CA LYS A 288 -10.81 19.24 -5.78
C LYS A 288 -10.34 17.99 -6.52
N PRO A 289 -10.05 18.13 -7.81
CA PRO A 289 -9.58 16.97 -8.57
C PRO A 289 -8.10 16.71 -8.32
N LEU A 290 -7.66 15.51 -8.64
CA LEU A 290 -6.26 15.14 -8.51
C LEU A 290 -5.82 15.38 -9.94
N THR A 291 -4.89 16.32 -10.14
CA THR A 291 -4.46 16.70 -11.48
C THR A 291 -3.22 16.07 -12.11
N PRO A 292 -2.29 15.53 -11.32
CA PRO A 292 -1.15 14.96 -12.05
C PRO A 292 -1.57 13.76 -12.91
N PRO A 293 -0.74 13.38 -13.90
CA PRO A 293 -1.15 12.22 -14.68
C PRO A 293 -1.17 11.05 -13.69
N ALA A 294 -2.26 10.30 -13.69
CA ALA A 294 -2.42 9.19 -12.76
C ALA A 294 -2.60 7.86 -13.45
N LEU A 295 -2.32 6.79 -12.71
CA LEU A 295 -2.45 5.45 -13.23
C LEU A 295 -2.71 4.49 -12.09
N PHE A 296 -3.55 3.49 -12.34
CA PHE A 296 -3.85 2.51 -11.34
C PHE A 296 -3.58 1.10 -11.85
N ILE A 297 -2.90 0.30 -11.04
CA ILE A 297 -2.60 -1.07 -11.41
C ILE A 297 -3.31 -1.92 -10.36
N GLY A 298 -4.25 -2.74 -10.82
CA GLY A 298 -4.99 -3.57 -9.90
C GLY A 298 -4.67 -5.05 -10.06
N GLY A 299 -5.25 -5.87 -9.19
CA GLY A 299 -5.02 -7.29 -9.25
C GLY A 299 -6.35 -8.01 -9.30
N GLN A 300 -6.48 -8.97 -10.22
CA GLN A 300 -7.71 -9.72 -10.37
C GLN A 300 -8.19 -10.25 -9.01
N TYR A 301 -7.28 -10.90 -8.29
CA TYR A 301 -7.62 -11.48 -6.99
C TYR A 301 -7.18 -10.64 -5.80
N ASP A 302 -6.74 -9.41 -6.07
CA ASP A 302 -6.31 -8.54 -4.99
C ASP A 302 -7.52 -7.94 -4.31
N VAL A 303 -7.56 -8.01 -2.98
CA VAL A 303 -8.67 -7.46 -2.23
C VAL A 303 -8.73 -5.94 -2.34
N GLY A 304 -7.58 -5.30 -2.48
CA GLY A 304 -7.56 -3.85 -2.60
C GLY A 304 -8.29 -3.44 -3.87
N THR A 305 -7.96 -4.11 -4.97
CA THR A 305 -8.57 -3.82 -6.25
C THR A 305 -10.07 -4.09 -6.22
N ILE A 306 -10.46 -5.18 -5.57
CA ILE A 306 -11.85 -5.57 -5.46
C ILE A 306 -12.69 -4.62 -4.61
N TRP A 307 -12.18 -4.24 -3.44
CA TRP A 307 -12.93 -3.33 -2.58
C TRP A 307 -13.06 -1.92 -3.15
N GLY A 308 -12.08 -1.49 -3.95
CA GLY A 308 -12.14 -0.17 -4.54
C GLY A 308 -12.71 -0.20 -5.94
N ALA A 309 -13.41 -1.29 -6.25
CA ALA A 309 -14.03 -1.48 -7.56
C ALA A 309 -14.90 -0.29 -7.98
N GLN A 310 -15.64 0.28 -7.04
CA GLN A 310 -16.50 1.41 -7.34
C GLN A 310 -15.71 2.69 -7.55
N ALA A 311 -14.59 2.80 -6.85
CA ALA A 311 -13.74 3.98 -6.97
C ALA A 311 -13.00 3.96 -8.31
N ILE A 312 -12.76 2.76 -8.84
CA ILE A 312 -12.04 2.63 -10.11
C ILE A 312 -12.93 2.92 -11.31
N GLU A 313 -14.20 2.53 -11.21
CA GLU A 313 -15.15 2.78 -12.29
C GLU A 313 -15.34 4.28 -12.44
N ARG A 314 -15.08 5.02 -11.36
CA ARG A 314 -15.25 6.46 -11.37
C ARG A 314 -13.93 7.22 -11.30
N ALA A 315 -12.87 6.59 -11.77
CA ALA A 315 -11.55 7.21 -11.74
C ALA A 315 -11.52 8.58 -12.44
N HIS A 316 -11.94 8.62 -13.69
CA HIS A 316 -11.94 9.88 -14.45
C HIS A 316 -12.76 10.99 -13.82
N GLU A 317 -13.72 10.61 -12.98
CA GLU A 317 -14.56 11.58 -12.29
C GLU A 317 -13.75 12.40 -11.30
N VAL A 318 -12.71 11.81 -10.74
CA VAL A 318 -11.86 12.49 -9.78
C VAL A 318 -10.47 12.84 -10.34
N MET A 319 -10.02 12.11 -11.35
CA MET A 319 -8.70 12.36 -11.94
C MET A 319 -8.76 12.69 -13.42
N PRO A 320 -8.75 13.98 -13.77
CA PRO A 320 -8.80 14.43 -15.16
C PRO A 320 -7.69 13.87 -16.05
N ASN A 321 -6.50 13.68 -15.49
CA ASN A 321 -5.38 13.15 -16.26
C ASN A 321 -5.24 11.65 -16.07
N TYR A 322 -6.34 11.00 -15.68
CA TYR A 322 -6.29 9.56 -15.48
C TYR A 322 -5.84 8.88 -16.77
N ARG A 323 -4.64 8.31 -16.75
CA ARG A 323 -4.12 7.63 -17.94
C ARG A 323 -4.53 6.17 -18.05
N GLY A 324 -5.50 5.74 -17.24
CA GLY A 324 -5.98 4.37 -17.34
C GLY A 324 -5.79 3.39 -16.18
N THR A 325 -6.64 2.37 -16.20
CA THR A 325 -6.61 1.30 -15.20
C THR A 325 -5.98 0.09 -15.89
N HIS A 326 -5.23 -0.69 -15.13
CA HIS A 326 -4.60 -1.87 -15.68
C HIS A 326 -4.79 -3.06 -14.73
N MET A 327 -5.43 -4.11 -15.23
CA MET A 327 -5.69 -5.29 -14.42
C MET A 327 -4.76 -6.45 -14.72
N ILE A 328 -4.04 -6.90 -13.69
CA ILE A 328 -3.15 -8.04 -13.85
C ILE A 328 -3.93 -9.26 -13.36
N ALA A 329 -4.06 -10.25 -14.22
CA ALA A 329 -4.82 -11.45 -13.88
C ALA A 329 -4.01 -12.52 -13.14
N ASP A 330 -4.75 -13.37 -12.42
CA ASP A 330 -4.19 -14.47 -11.66
C ASP A 330 -3.33 -14.11 -10.44
N VAL A 331 -3.00 -12.84 -10.27
CA VAL A 331 -2.21 -12.42 -9.12
C VAL A 331 -3.10 -11.80 -8.04
N GLY A 332 -2.62 -11.86 -6.79
CA GLY A 332 -3.39 -11.31 -5.68
C GLY A 332 -3.00 -9.92 -5.24
N HIS A 333 -2.85 -9.74 -3.93
CA HIS A 333 -2.50 -8.45 -3.34
C HIS A 333 -1.05 -7.97 -3.47
N TRP A 334 -0.11 -8.90 -3.43
CA TRP A 334 1.31 -8.53 -3.52
C TRP A 334 1.73 -8.36 -4.97
N ILE A 335 0.96 -7.52 -5.64
CA ILE A 335 1.09 -7.20 -7.06
C ILE A 335 2.48 -7.06 -7.70
N GLN A 336 3.32 -6.16 -7.20
CA GLN A 336 4.63 -6.00 -7.83
C GLN A 336 5.61 -7.14 -7.59
N GLN A 337 5.29 -8.04 -6.67
CA GLN A 337 6.15 -9.19 -6.40
C GLN A 337 5.61 -10.41 -7.16
N GLU A 338 4.28 -10.56 -7.18
CA GLU A 338 3.65 -11.67 -7.89
C GLU A 338 3.74 -11.55 -9.41
N ALA A 339 3.82 -10.31 -9.91
CA ALA A 339 3.93 -10.06 -11.35
C ALA A 339 4.95 -8.96 -11.57
N PRO A 340 6.21 -9.21 -11.19
CA PRO A 340 7.29 -8.24 -11.32
C PRO A 340 7.55 -7.66 -12.71
N GLU A 341 7.46 -8.50 -13.74
CA GLU A 341 7.74 -8.02 -15.08
C GLU A 341 6.54 -7.33 -15.73
N GLU A 342 5.34 -7.78 -15.41
CA GLU A 342 4.15 -7.16 -15.95
C GLU A 342 4.14 -5.74 -15.36
N THR A 343 4.36 -5.65 -14.06
CA THR A 343 4.37 -4.37 -13.36
C THR A 343 5.45 -3.46 -13.91
N ASN A 344 6.62 -3.99 -14.23
CA ASN A 344 7.70 -3.19 -14.77
C ASN A 344 7.32 -2.58 -16.13
N ARG A 345 6.68 -3.39 -16.98
CA ARG A 345 6.24 -2.96 -18.31
C ARG A 345 5.28 -1.78 -18.18
N LEU A 346 4.29 -1.94 -17.29
CA LEU A 346 3.31 -0.90 -17.08
C LEU A 346 3.94 0.40 -16.59
N LEU A 347 4.83 0.30 -15.61
CA LEU A 347 5.49 1.48 -15.06
C LEU A 347 6.38 2.13 -16.11
N LEU A 348 7.15 1.32 -16.83
CA LEU A 348 8.03 1.85 -17.86
C LEU A 348 7.25 2.54 -18.98
N ASP A 349 6.05 2.04 -19.27
CA ASP A 349 5.21 2.64 -20.32
C ASP A 349 4.68 3.98 -19.84
N PHE A 350 4.17 3.99 -18.62
CA PHE A 350 3.63 5.19 -18.02
C PHE A 350 4.69 6.28 -17.92
N LEU A 351 5.84 5.94 -17.33
CA LEU A 351 6.91 6.91 -17.19
C LEU A 351 7.47 7.29 -18.56
N GLY A 352 7.57 6.30 -19.43
CA GLY A 352 8.10 6.53 -20.77
C GLY A 352 7.36 7.60 -21.54
N GLY A 353 6.03 7.57 -21.49
CA GLY A 353 5.24 8.54 -22.23
C GLY A 353 5.06 9.88 -21.53
N LEU A 354 5.66 10.06 -20.37
CA LEU A 354 5.53 11.31 -19.63
C LEU A 354 6.86 12.06 -19.62
N ARG A 355 6.81 13.35 -19.33
CA ARG A 355 8.00 14.17 -19.26
C ARG A 355 8.25 14.60 -17.82
N PRO A 356 9.49 14.44 -17.34
CA PRO A 356 9.85 14.82 -15.97
C PRO A 356 9.79 16.34 -15.76
#